data_7YPQ
#
_entry.id   7YPQ
#
_cell.length_a   1.00
_cell.length_b   1.00
_cell.length_c   1.00
_cell.angle_alpha   90.00
_cell.angle_beta   90.00
_cell.angle_gamma   90.00
#
_symmetry.space_group_name_H-M   'P 1'
#
loop_
_entity.id
_entity.type
_entity.pdbx_description
1 polymer Lef3
2 polymer "DNA (5'-D(P*AP*AP*AP*AP*AP*AP*AP*AP*AP*AP*A)-3')"
#
loop_
_entity_poly.entity_id
_entity_poly.type
_entity_poly.pdbx_seq_one_letter_code
_entity_poly.pdbx_strand_id
1 'polypeptide(L)'
;MGSSHHHHHHSSGLVPRGSHMASMTGGQQMGRGSMSNMDISPVKQLIDIENDDAMNTPEKGMKRPLMRTMSSVEEPQAKM
AKLRTLNVKGQLLTKTTMSINNEDYYLFKFLVNNKSIDYYGTQTQFFSLINNKTYELVLQYSRKKLLIKSYEQCEDEDLL
MTVCKSVTFQEFCANEIKSLLAKFLYGFKIYGSSNVYKLVFVILLEDNNGTINGVQVEMMSDFKRLSGAFKNHVIENEND
LFDCMYKSEEKYFNLYRIKCNHNANNYKSLSLSSNSQLERLETDDSMFEYEFQYDYTVNISRSNKIIQKHRVTGNFTSER
NIYQNSDRFVISYDTANEKIKTSIYNRMENAESKTDYDTSITLKDVTLSQLNSLIESNLVQVDVYLVTDPNNVKNNVIAG
ITKIEIDGTYEPL
;
A
2 'polydeoxyribonucleotide' (DA)(DA)(DA)(DA)(DA)(DA)(DA)(DA)(DA)(DA)(DA) Q
#
# COMPACT_ATOMS: atom_id res chain seq x y z
N LEU A 83 1.96 -9.71 -42.03
CA LEU A 83 0.99 -10.31 -41.13
C LEU A 83 -0.16 -9.35 -40.85
N ARG A 84 -1.17 -9.82 -40.11
CA ARG A 84 -2.31 -8.98 -39.80
C ARG A 84 -1.93 -7.94 -38.75
N THR A 85 -2.56 -6.77 -38.84
CA THR A 85 -2.28 -5.66 -37.95
C THR A 85 -3.53 -5.28 -37.17
N LEU A 86 -3.32 -4.88 -35.92
CA LEU A 86 -4.39 -4.45 -35.03
C LEU A 86 -4.16 -2.99 -34.66
N ASN A 87 -5.19 -2.18 -34.79
CA ASN A 87 -5.13 -0.76 -34.45
C ASN A 87 -5.78 -0.55 -33.09
N VAL A 88 -5.02 0.02 -32.14
CA VAL A 88 -5.54 0.28 -30.81
C VAL A 88 -5.10 1.66 -30.36
N LYS A 89 -5.72 2.13 -29.29
CA LYS A 89 -5.35 3.39 -28.65
C LYS A 89 -5.44 3.21 -27.15
N GLY A 90 -4.38 3.57 -26.44
CA GLY A 90 -4.38 3.36 -25.01
C GLY A 90 -3.26 4.11 -24.32
N GLN A 91 -3.46 4.33 -23.03
CA GLN A 91 -2.50 5.06 -22.20
C GLN A 91 -1.48 4.10 -21.61
N LEU A 92 -0.20 4.43 -21.80
CA LEU A 92 0.85 3.61 -21.21
C LEU A 92 0.90 3.85 -19.71
N LEU A 93 1.18 2.78 -18.96
CA LEU A 93 1.28 2.87 -17.50
C LEU A 93 2.70 2.62 -17.01
N THR A 94 3.29 1.48 -17.34
CA THR A 94 4.64 1.15 -16.94
C THR A 94 5.35 0.44 -18.07
N LYS A 95 6.68 0.46 -18.01
CA LYS A 95 7.54 -0.32 -18.91
C LYS A 95 8.48 -1.16 -18.05
N THR A 96 8.62 -2.43 -18.40
CA THR A 96 9.41 -3.37 -17.61
C THR A 96 10.33 -4.16 -18.54
N THR A 97 11.47 -4.57 -17.99
CA THR A 97 12.43 -5.42 -18.70
C THR A 97 12.63 -6.69 -17.89
N MET A 98 12.34 -7.83 -18.48
CA MET A 98 12.48 -9.12 -17.83
C MET A 98 13.41 -10.00 -18.65
N SER A 99 14.41 -10.58 -17.99
CA SER A 99 15.36 -11.47 -18.64
C SER A 99 15.06 -12.90 -18.20
N ILE A 100 14.77 -13.77 -19.17
CA ILE A 100 14.46 -15.16 -18.91
C ILE A 100 15.16 -16.02 -19.97
N ASN A 101 15.72 -17.14 -19.53
CA ASN A 101 16.51 -18.06 -20.35
C ASN A 101 17.43 -17.31 -21.31
N ASN A 102 18.19 -16.37 -20.76
CA ASN A 102 19.20 -15.60 -21.51
C ASN A 102 18.58 -14.88 -22.70
N GLU A 103 17.37 -14.37 -22.52
CA GLU A 103 16.73 -13.52 -23.52
C GLU A 103 15.99 -12.41 -22.79
N ASP A 104 16.17 -11.18 -23.26
CA ASP A 104 15.54 -10.02 -22.64
C ASP A 104 14.25 -9.65 -23.36
N TYR A 105 13.24 -9.28 -22.58
CA TYR A 105 11.93 -8.92 -23.09
C TYR A 105 11.53 -7.57 -22.49
N TYR A 106 11.16 -6.65 -23.35
CA TYR A 106 10.66 -5.34 -22.95
C TYR A 106 9.16 -5.33 -23.13
N LEU A 107 8.42 -5.09 -22.04
CA LEU A 107 6.97 -5.18 -22.09
C LEU A 107 6.35 -3.93 -21.47
N PHE A 108 5.28 -3.45 -22.10
CA PHE A 108 4.61 -2.22 -21.73
C PHE A 108 3.19 -2.53 -21.29
N LYS A 109 2.78 -1.97 -20.17
CA LYS A 109 1.41 -2.10 -19.68
C LYS A 109 0.61 -0.90 -20.18
N PHE A 110 -0.39 -1.15 -21.02
CA PHE A 110 -1.20 -0.10 -21.62
C PHE A 110 -2.62 -0.19 -21.10
N LEU A 111 -3.25 0.98 -20.97
CA LEU A 111 -4.63 1.07 -20.47
C LEU A 111 -5.54 1.30 -21.67
N VAL A 112 -6.18 0.23 -22.14
CA VAL A 112 -7.09 0.29 -23.27
C VAL A 112 -8.48 -0.06 -22.75
N ASN A 113 -9.42 0.87 -22.91
CA ASN A 113 -10.82 0.67 -22.51
C ASN A 113 -10.92 0.22 -21.06
N ASN A 114 -10.16 0.89 -20.19
CA ASN A 114 -10.11 0.59 -18.76
C ASN A 114 -9.71 -0.86 -18.51
N LYS A 115 -8.76 -1.35 -19.30
CA LYS A 115 -8.18 -2.67 -19.10
C LYS A 115 -6.67 -2.59 -19.30
N SER A 116 -5.93 -3.30 -18.45
CA SER A 116 -4.48 -3.32 -18.53
C SER A 116 -4.05 -4.46 -19.42
N ILE A 117 -3.49 -4.15 -20.58
CA ILE A 117 -3.03 -5.14 -21.54
C ILE A 117 -1.52 -4.97 -21.69
N ASP A 118 -0.79 -6.09 -21.65
CA ASP A 118 0.66 -6.08 -21.75
C ASP A 118 1.05 -6.36 -23.20
N TYR A 119 1.87 -5.48 -23.77
CA TYR A 119 2.40 -5.65 -25.11
C TYR A 119 3.91 -5.79 -25.05
N TYR A 120 4.49 -6.29 -26.13
CA TYR A 120 5.92 -6.48 -26.25
C TYR A 120 6.52 -5.41 -27.16
N GLY A 121 7.80 -5.14 -26.98
CA GLY A 121 8.46 -4.16 -27.80
C GLY A 121 9.96 -4.32 -27.77
N THR A 122 10.65 -3.38 -28.42
CA THR A 122 12.10 -3.38 -28.55
C THR A 122 12.70 -2.32 -27.63
N GLN A 123 14.03 -2.23 -27.66
CA GLN A 123 14.74 -1.27 -26.81
C GLN A 123 14.43 0.17 -27.23
N THR A 124 14.29 0.43 -28.53
CA THR A 124 13.86 1.74 -28.96
C THR A 124 12.46 2.07 -28.44
N GLN A 125 11.57 1.07 -28.42
CA GLN A 125 10.28 1.25 -27.77
C GLN A 125 10.45 1.51 -26.29
N PHE A 126 11.38 0.80 -25.64
CA PHE A 126 11.58 0.96 -24.20
C PHE A 126 12.04 2.36 -23.85
N PHE A 127 12.87 2.97 -24.71
CA PHE A 127 13.45 4.27 -24.39
C PHE A 127 12.60 5.43 -24.89
N SER A 128 12.04 5.32 -26.09
CA SER A 128 11.29 6.45 -26.65
C SER A 128 9.96 6.66 -25.94
N LEU A 129 9.26 5.58 -25.64
CA LEU A 129 7.95 5.70 -24.99
C LEU A 129 8.10 6.25 -23.58
N ILE A 130 7.18 7.13 -23.21
CA ILE A 130 7.21 7.79 -21.90
C ILE A 130 6.00 7.32 -21.10
N ASN A 131 6.13 7.39 -19.78
CA ASN A 131 5.09 6.91 -18.89
C ASN A 131 3.89 7.85 -18.89
N ASN A 132 2.73 7.27 -18.59
CA ASN A 132 1.49 8.03 -18.36
C ASN A 132 1.14 8.90 -19.56
N LYS A 133 1.32 8.37 -20.76
CA LYS A 133 0.95 9.08 -21.98
C LYS A 133 0.24 8.12 -22.92
N THR A 134 -0.82 8.61 -23.56
CA THR A 134 -1.58 7.81 -24.50
C THR A 134 -0.82 7.64 -25.82
N TYR A 135 -1.19 6.60 -26.55
CA TYR A 135 -0.57 6.30 -27.83
C TYR A 135 -1.58 5.62 -28.74
N GLU A 136 -1.35 5.77 -30.04
CA GLU A 136 -2.06 5.03 -31.08
C GLU A 136 -1.10 3.96 -31.60
N LEU A 137 -1.39 2.71 -31.30
CA LEU A 137 -0.47 1.61 -31.56
C LEU A 137 -0.98 0.72 -32.69
N VAL A 138 -0.05 0.22 -33.49
CA VAL A 138 -0.33 -0.85 -34.45
C VAL A 138 0.42 -2.09 -33.98
N LEU A 139 -0.25 -3.23 -34.05
CA LEU A 139 0.27 -4.47 -33.47
C LEU A 139 0.30 -5.58 -34.50
N GLN A 140 1.43 -6.28 -34.55
CA GLN A 140 1.58 -7.47 -35.37
C GLN A 140 1.66 -8.70 -34.49
N TYR A 141 0.90 -9.74 -34.85
CA TYR A 141 0.90 -11.00 -34.11
C TYR A 141 2.01 -11.87 -34.67
N SER A 142 3.16 -11.85 -34.00
CA SER A 142 4.34 -12.60 -34.41
C SER A 142 4.81 -13.49 -33.26
N ARG A 143 5.19 -14.72 -33.61
CA ARG A 143 5.77 -15.66 -32.66
C ARG A 143 4.86 -15.88 -31.46
N LYS A 144 3.56 -15.96 -31.72
CA LYS A 144 2.55 -16.18 -30.69
C LYS A 144 2.59 -15.09 -29.62
N LYS A 145 2.89 -13.86 -30.02
CA LYS A 145 2.96 -12.73 -29.10
C LYS A 145 2.53 -11.48 -29.83
N LEU A 146 1.62 -10.72 -29.23
CA LEU A 146 1.29 -9.41 -29.76
C LEU A 146 2.50 -8.50 -29.61
N LEU A 147 2.84 -7.80 -30.69
CA LEU A 147 4.05 -6.99 -30.74
C LEU A 147 3.67 -5.56 -31.08
N ILE A 148 4.57 -4.63 -30.75
CA ILE A 148 4.42 -3.23 -31.13
C ILE A 148 5.31 -2.97 -32.33
N LYS A 149 4.72 -2.48 -33.42
CA LYS A 149 5.45 -2.15 -34.63
C LYS A 149 5.61 -0.64 -34.80
N SER A 150 4.51 0.10 -34.80
CA SER A 150 4.55 1.55 -34.91
C SER A 150 3.59 2.18 -33.92
N TYR A 151 3.95 3.38 -33.47
CA TYR A 151 3.18 4.10 -32.47
C TYR A 151 3.12 5.57 -32.85
N GLU A 152 2.02 6.21 -32.50
CA GLU A 152 1.82 7.64 -32.71
C GLU A 152 1.49 8.28 -31.36
N GLN A 153 2.32 9.21 -30.93
CA GLN A 153 2.14 9.86 -29.64
C GLN A 153 0.92 10.78 -29.71
N CYS A 154 -0.21 10.29 -29.21
CA CYS A 154 -1.43 11.08 -29.19
C CYS A 154 -1.56 11.79 -27.84
N GLU A 155 -2.73 12.36 -27.57
CA GLU A 155 -3.01 13.00 -26.30
C GLU A 155 -4.43 12.67 -25.87
N ASP A 156 -4.68 12.76 -24.57
CA ASP A 156 -6.02 12.53 -24.03
C ASP A 156 -6.94 13.70 -24.33
N MET A 161 -7.72 13.10 -15.05
CA MET A 161 -9.16 12.90 -15.11
C MET A 161 -9.85 13.48 -13.89
N THR A 162 -11.15 13.20 -13.76
CA THR A 162 -11.96 13.71 -12.67
C THR A 162 -12.16 12.60 -11.64
N VAL A 163 -11.80 12.89 -10.39
CA VAL A 163 -11.90 11.94 -9.29
C VAL A 163 -13.09 12.32 -8.43
N CYS A 164 -13.89 11.32 -8.06
CA CYS A 164 -15.03 11.55 -7.18
C CYS A 164 -14.54 12.01 -5.81
N LYS A 165 -15.16 13.07 -5.29
CA LYS A 165 -14.79 13.62 -3.99
C LYS A 165 -15.40 12.84 -2.83
N SER A 166 -16.14 11.77 -3.11
CA SER A 166 -16.77 10.99 -2.07
C SER A 166 -17.00 9.58 -2.62
N VAL A 167 -17.75 8.78 -1.87
CA VAL A 167 -18.11 7.42 -2.27
C VAL A 167 -19.26 6.98 -1.39
N THR A 168 -20.16 6.18 -1.94
CA THR A 168 -21.34 5.72 -1.23
C THR A 168 -21.16 4.29 -0.75
N PHE A 169 -22.02 3.91 0.20
CA PHE A 169 -22.01 2.55 0.71
C PHE A 169 -22.30 1.54 -0.40
N GLN A 170 -23.27 1.85 -1.26
CA GLN A 170 -23.64 0.91 -2.32
C GLN A 170 -22.54 0.78 -3.36
N GLU A 171 -21.71 1.80 -3.54
CA GLU A 171 -20.57 1.68 -4.43
C GLU A 171 -19.49 0.77 -3.85
N PHE A 172 -19.41 0.65 -2.53
CA PHE A 172 -18.56 -0.35 -1.91
C PHE A 172 -19.18 -1.74 -1.98
N CYS A 173 -20.51 -1.83 -1.82
CA CYS A 173 -21.17 -3.13 -1.85
C CYS A 173 -21.02 -3.79 -3.21
N ALA A 174 -21.15 -3.02 -4.28
CA ALA A 174 -21.05 -3.55 -5.63
C ALA A 174 -19.61 -3.86 -6.05
N ASN A 175 -18.63 -3.55 -5.20
CA ASN A 175 -17.21 -3.71 -5.54
C ASN A 175 -16.85 -2.95 -6.82
N GLU A 176 -17.30 -1.69 -6.87
CA GLU A 176 -17.09 -0.87 -8.05
C GLU A 176 -15.62 -0.50 -8.19
N ILE A 177 -15.31 0.20 -9.28
CA ILE A 177 -13.98 0.73 -9.54
C ILE A 177 -14.12 2.24 -9.68
N LYS A 178 -13.41 2.98 -8.82
CA LYS A 178 -13.61 4.41 -8.71
C LYS A 178 -12.27 5.14 -8.70
N SER A 179 -12.35 6.46 -8.83
CA SER A 179 -11.23 7.37 -8.62
C SER A 179 -11.62 8.33 -7.51
N LEU A 180 -10.87 8.31 -6.42
CA LEU A 180 -11.23 9.04 -5.21
C LEU A 180 -10.22 10.13 -4.94
N LEU A 181 -10.60 11.05 -4.04
CA LEU A 181 -9.67 11.96 -3.41
C LEU A 181 -9.51 11.52 -1.95
N ALA A 182 -8.32 11.07 -1.59
CA ALA A 182 -8.06 10.53 -0.27
C ALA A 182 -6.94 11.29 0.39
N LYS A 183 -6.88 11.22 1.72
CA LYS A 183 -5.77 11.79 2.47
C LYS A 183 -4.89 10.65 2.97
N PHE A 184 -3.63 10.63 2.55
CA PHE A 184 -2.73 9.60 3.03
C PHE A 184 -2.44 9.82 4.51
N LEU A 185 -2.43 8.74 5.28
CA LEU A 185 -2.14 8.84 6.71
C LEU A 185 -0.84 8.12 7.05
N TYR A 186 -0.74 6.83 6.77
CA TYR A 186 0.38 5.99 7.18
C TYR A 186 0.68 5.00 6.07
N GLY A 187 1.88 4.46 6.11
CA GLY A 187 2.22 3.35 5.24
C GLY A 187 3.20 2.44 5.92
N PHE A 188 2.89 1.15 5.97
CA PHE A 188 3.77 0.23 6.66
C PHE A 188 3.71 -1.13 6.00
N LYS A 189 4.72 -1.94 6.29
CA LYS A 189 4.77 -3.32 5.84
C LYS A 189 4.13 -4.20 6.90
N ILE A 190 3.18 -5.03 6.48
CA ILE A 190 2.49 -5.90 7.42
C ILE A 190 3.51 -6.72 8.19
N TYR A 191 3.31 -6.83 9.51
CA TYR A 191 4.30 -7.50 10.33
C TYR A 191 4.36 -8.98 9.99
N GLY A 192 5.57 -9.47 9.73
CA GLY A 192 5.76 -10.86 9.39
C GLY A 192 5.44 -11.21 7.96
N SER A 193 5.06 -10.24 7.14
CA SER A 193 4.74 -10.47 5.74
C SER A 193 5.92 -10.04 4.88
N SER A 194 6.31 -10.90 3.95
CA SER A 194 7.50 -10.63 3.15
C SER A 194 7.27 -9.57 2.07
N ASN A 195 6.06 -9.51 1.50
CA ASN A 195 5.85 -8.67 0.33
C ASN A 195 4.71 -7.66 0.46
N VAL A 196 3.67 -7.95 1.24
CA VAL A 196 2.49 -7.09 1.22
C VAL A 196 2.69 -5.89 2.13
N TYR A 197 2.14 -4.76 1.70
CA TYR A 197 2.17 -3.51 2.45
C TYR A 197 0.74 -3.06 2.68
N LYS A 198 0.56 -2.20 3.67
CA LYS A 198 -0.75 -1.63 3.99
C LYS A 198 -0.63 -0.12 4.05
N LEU A 199 -1.55 0.57 3.37
CA LEU A 199 -1.58 2.01 3.31
C LEU A 199 -2.90 2.48 3.91
N VAL A 200 -2.85 3.48 4.75
CA VAL A 200 -4.04 3.98 5.41
C VAL A 200 -4.43 5.31 4.78
N PHE A 201 -5.71 5.42 4.43
CA PHE A 201 -6.24 6.60 3.77
C PHE A 201 -7.42 7.12 4.57
N VAL A 202 -7.76 8.37 4.35
CA VAL A 202 -9.01 8.94 4.86
C VAL A 202 -9.82 9.36 3.64
N ILE A 203 -11.00 8.77 3.50
CA ILE A 203 -11.90 9.08 2.39
C ILE A 203 -13.19 9.64 2.98
N LEU A 204 -14.12 10.03 2.13
CA LEU A 204 -15.44 10.46 2.55
C LEU A 204 -16.42 9.36 2.17
N LEU A 205 -16.87 8.59 3.15
CA LEU A 205 -17.96 7.65 2.91
C LEU A 205 -19.28 8.40 3.02
N GLU A 206 -20.31 7.85 2.39
CA GLU A 206 -21.63 8.45 2.41
C GLU A 206 -22.65 7.41 2.87
N ASP A 207 -23.39 7.75 3.93
CA ASP A 207 -24.44 6.88 4.40
C ASP A 207 -25.67 6.99 3.50
N ASN A 208 -26.55 5.99 3.58
CA ASN A 208 -27.83 6.11 2.92
C ASN A 208 -28.66 7.26 3.46
N ASN A 209 -28.33 7.76 4.65
CA ASN A 209 -28.89 8.99 5.17
C ASN A 209 -28.46 10.22 4.37
N GLY A 210 -27.45 10.08 3.51
CA GLY A 210 -26.99 11.19 2.71
C GLY A 210 -26.03 12.12 3.41
N THR A 211 -25.31 11.63 4.42
CA THR A 211 -24.30 12.39 5.12
C THR A 211 -22.92 11.82 4.81
N ILE A 212 -21.95 12.70 4.61
CA ILE A 212 -20.59 12.30 4.27
C ILE A 212 -19.75 12.37 5.54
N ASN A 213 -19.14 11.25 5.90
CA ASN A 213 -18.25 11.17 7.05
C ASN A 213 -16.87 10.76 6.59
N GLY A 214 -15.85 11.48 7.10
CA GLY A 214 -14.48 11.09 6.85
C GLY A 214 -14.16 9.82 7.60
N VAL A 215 -13.92 8.74 6.87
CA VAL A 215 -13.59 7.46 7.47
C VAL A 215 -12.16 7.08 7.09
N GLN A 216 -11.61 6.15 7.86
CA GLN A 216 -10.28 5.61 7.67
C GLN A 216 -10.39 4.27 6.95
N VAL A 217 -9.54 4.06 5.95
CA VAL A 217 -9.63 2.90 5.08
C VAL A 217 -8.23 2.31 4.94
N GLU A 218 -8.17 1.00 4.76
CA GLU A 218 -6.91 0.30 4.57
C GLU A 218 -6.85 -0.27 3.16
N MET A 219 -5.69 -0.11 2.52
CA MET A 219 -5.42 -0.63 1.19
C MET A 219 -4.17 -1.49 1.27
N MET A 220 -4.33 -2.80 1.08
CA MET A 220 -3.18 -3.70 1.01
C MET A 220 -2.73 -3.85 -0.43
N SER A 221 -1.45 -4.17 -0.58
CA SER A 221 -0.87 -4.36 -1.91
C SER A 221 0.41 -5.15 -1.75
N ASP A 222 1.14 -5.32 -2.85
CA ASP A 222 2.46 -5.92 -2.86
C ASP A 222 3.48 -4.84 -3.20
N PHE A 223 4.75 -5.23 -3.24
CA PHE A 223 5.77 -4.25 -3.59
C PHE A 223 5.71 -3.88 -5.06
N LYS A 224 5.36 -4.82 -5.94
CA LYS A 224 5.36 -4.53 -7.37
C LYS A 224 4.29 -3.52 -7.74
N ARG A 225 3.04 -3.76 -7.32
CA ARG A 225 1.96 -2.83 -7.63
C ARG A 225 2.19 -1.47 -6.97
N LEU A 226 2.69 -1.47 -5.74
CA LEU A 226 2.94 -0.21 -5.06
C LEU A 226 4.05 0.59 -5.74
N SER A 227 5.09 -0.11 -6.23
CA SER A 227 6.13 0.58 -6.98
C SER A 227 5.59 1.13 -8.29
N GLY A 228 4.76 0.37 -8.99
CA GLY A 228 4.21 0.80 -10.25
C GLY A 228 2.99 1.70 -10.15
N ALA A 229 2.54 2.02 -8.96
CA ALA A 229 1.31 2.79 -8.78
C ALA A 229 1.55 4.27 -8.55
N PHE A 230 2.61 4.65 -7.84
CA PHE A 230 2.87 6.05 -7.54
C PHE A 230 3.33 6.75 -8.81
N LYS A 231 2.46 7.58 -9.38
CA LYS A 231 2.86 8.38 -10.53
C LYS A 231 3.89 9.42 -10.12
N ASN A 232 4.81 9.71 -11.05
CA ASN A 232 5.86 10.72 -10.89
C ASN A 232 6.82 10.39 -9.76
N HIS A 233 6.82 9.15 -9.27
CA HIS A 233 7.77 8.70 -8.26
C HIS A 233 8.36 7.38 -8.70
N VAL A 234 9.69 7.26 -8.64
CA VAL A 234 10.39 6.08 -9.08
C VAL A 234 10.74 5.26 -7.84
N ILE A 235 10.04 4.15 -7.63
CA ILE A 235 10.27 3.26 -6.51
C ILE A 235 11.03 2.04 -7.05
N GLU A 236 12.32 1.98 -6.74
CA GLU A 236 13.15 0.85 -7.15
C GLU A 236 13.22 -0.24 -6.09
N ASN A 237 13.65 0.11 -4.89
CA ASN A 237 13.75 -0.84 -3.79
C ASN A 237 12.81 -0.43 -2.66
N GLU A 238 12.86 -1.21 -1.58
CA GLU A 238 11.96 -1.01 -0.45
C GLU A 238 12.23 0.31 0.25
N ASN A 239 13.48 0.77 0.28
CA ASN A 239 13.79 2.06 0.88
C ASN A 239 13.10 3.19 0.14
N ASP A 240 13.07 3.11 -1.19
CA ASP A 240 12.36 4.15 -1.95
C ASP A 240 10.87 4.13 -1.65
N LEU A 241 10.28 2.94 -1.51
CA LEU A 241 8.86 2.86 -1.18
C LEU A 241 8.58 3.50 0.18
N PHE A 242 9.41 3.17 1.18
CA PHE A 242 9.19 3.78 2.50
C PHE A 242 9.47 5.27 2.48
N ASP A 243 10.40 5.74 1.65
CA ASP A 243 10.68 7.15 1.59
C ASP A 243 9.51 7.91 0.97
N CYS A 244 8.94 7.36 -0.10
CA CYS A 244 7.72 7.91 -0.68
C CYS A 244 6.58 7.90 0.34
N MET A 245 6.46 6.81 1.10
CA MET A 245 5.43 6.72 2.12
C MET A 245 5.59 7.82 3.17
N TYR A 246 6.83 8.08 3.59
CA TYR A 246 7.06 9.01 4.68
C TYR A 246 6.95 10.47 4.24
N LYS A 247 7.35 10.78 3.00
CA LYS A 247 7.14 12.14 2.51
C LYS A 247 5.80 12.35 1.82
N SER A 248 4.97 11.32 1.72
CA SER A 248 3.58 11.49 1.31
C SER A 248 2.62 11.48 2.48
N GLU A 249 3.15 11.48 3.70
CA GLU A 249 2.31 11.35 4.89
C GLU A 249 1.52 12.63 5.13
N GLU A 250 0.21 12.46 5.38
CA GLU A 250 -0.72 13.57 5.58
C GLU A 250 -0.71 14.49 4.36
N LYS A 251 -0.94 13.88 3.20
CA LYS A 251 -1.02 14.60 1.94
C LYS A 251 -2.06 13.91 1.07
N TYR A 252 -2.59 14.66 0.10
CA TYR A 252 -3.78 14.24 -0.62
C TYR A 252 -3.42 13.56 -1.94
N PHE A 253 -4.18 12.51 -2.25
CA PHE A 253 -3.92 11.61 -3.36
C PHE A 253 -5.17 11.46 -4.21
N ASN A 254 -5.02 11.54 -5.52
CA ASN A 254 -6.02 11.00 -6.43
C ASN A 254 -5.76 9.51 -6.59
N LEU A 255 -6.78 8.71 -6.34
CA LEU A 255 -6.70 7.26 -6.46
C LEU A 255 -7.46 6.86 -7.70
N TYR A 256 -6.75 6.58 -8.78
CA TYR A 256 -7.35 6.26 -10.07
C TYR A 256 -7.54 4.76 -10.20
N ARG A 257 -8.78 4.38 -10.52
CA ARG A 257 -9.14 2.99 -10.83
C ARG A 257 -8.78 2.05 -9.68
N ILE A 258 -9.09 2.48 -8.47
CA ILE A 258 -9.00 1.62 -7.29
C ILE A 258 -10.32 0.87 -7.16
N LYS A 259 -10.23 -0.33 -6.60
CA LYS A 259 -11.40 -1.19 -6.45
C LYS A 259 -11.88 -1.14 -5.00
N CYS A 260 -13.16 -0.86 -4.81
CA CYS A 260 -13.73 -0.70 -3.49
C CYS A 260 -14.26 -2.06 -3.02
N ASN A 261 -13.44 -2.77 -2.25
CA ASN A 261 -13.81 -4.10 -1.80
C ASN A 261 -14.96 -4.06 -0.82
N HIS A 262 -15.59 -5.22 -0.63
CA HIS A 262 -16.59 -5.42 0.42
C HIS A 262 -16.67 -6.91 0.68
N ASN A 263 -16.23 -7.33 1.86
CA ASN A 263 -16.16 -8.74 2.18
C ASN A 263 -17.51 -9.25 2.69
N ALA A 264 -17.55 -10.51 3.11
CA ALA A 264 -18.79 -11.09 3.61
C ALA A 264 -19.28 -10.33 4.85
N ASN A 265 -18.40 -10.15 5.83
CA ASN A 265 -18.69 -9.22 6.90
C ASN A 265 -18.59 -7.79 6.37
N ASN A 266 -19.11 -6.85 7.15
CA ASN A 266 -19.21 -5.46 6.69
C ASN A 266 -17.86 -4.75 6.82
N TYR A 267 -16.84 -5.36 6.22
CA TYR A 267 -15.52 -4.78 6.13
C TYR A 267 -15.31 -4.23 4.73
N LYS A 268 -15.02 -2.94 4.63
CA LYS A 268 -14.81 -2.27 3.35
C LYS A 268 -13.39 -1.79 3.27
N SER A 269 -12.66 -2.25 2.26
CA SER A 269 -11.28 -1.84 2.09
C SER A 269 -11.07 -1.21 0.73
N LEU A 270 -9.83 -0.85 0.43
CA LEU A 270 -9.47 -0.39 -0.90
C LEU A 270 -8.50 -1.39 -1.50
N SER A 271 -8.53 -1.52 -2.82
CA SER A 271 -7.69 -2.48 -3.50
C SER A 271 -7.08 -1.82 -4.72
N LEU A 272 -5.89 -2.28 -5.06
CA LEU A 272 -5.06 -1.66 -6.07
C LEU A 272 -4.94 -2.65 -7.22
N SER A 273 -5.57 -2.33 -8.35
CA SER A 273 -5.55 -3.21 -9.50
C SER A 273 -4.32 -2.93 -10.36
N SER A 274 -4.25 -3.58 -11.51
CA SER A 274 -3.07 -3.43 -12.37
C SER A 274 -3.01 -2.03 -12.97
N ASN A 275 -4.15 -1.47 -13.36
CA ASN A 275 -4.21 -0.15 -13.96
C ASN A 275 -4.39 0.95 -12.93
N SER A 276 -4.55 0.60 -11.66
CA SER A 276 -4.76 1.60 -10.62
C SER A 276 -3.50 2.42 -10.41
N GLN A 277 -3.69 3.73 -10.23
CA GLN A 277 -2.58 4.64 -10.03
C GLN A 277 -2.85 5.53 -8.82
N LEU A 278 -1.79 6.03 -8.21
CA LEU A 278 -1.86 6.88 -7.04
C LEU A 278 -1.08 8.14 -7.33
N GLU A 279 -1.73 9.31 -7.30
CA GLU A 279 -1.07 10.56 -7.64
C GLU A 279 -1.11 11.50 -6.45
N ARG A 280 0.06 12.02 -6.06
CA ARG A 280 0.16 12.91 -4.92
C ARG A 280 -0.04 14.35 -5.39
N LEU A 281 -0.95 15.05 -4.71
CA LEU A 281 -1.38 16.37 -5.18
C LEU A 281 -0.34 17.45 -4.98
N GLU A 282 0.41 17.42 -3.88
CA GLU A 282 1.30 18.51 -3.50
C GLU A 282 0.51 19.81 -3.38
N THR A 283 -0.49 19.79 -2.49
CA THR A 283 -1.47 20.86 -2.42
C THR A 283 -0.89 22.16 -1.90
N ASP A 284 0.12 22.08 -1.02
CA ASP A 284 0.60 23.25 -0.27
C ASP A 284 -0.53 23.87 0.53
N ASP A 285 -1.42 23.03 1.06
CA ASP A 285 -2.58 23.45 1.84
C ASP A 285 -3.51 24.38 1.05
N SER A 286 -3.49 24.24 -0.28
CA SER A 286 -4.44 25.00 -1.10
C SER A 286 -5.88 24.59 -0.81
N MET A 287 -6.08 23.34 -0.40
CA MET A 287 -7.40 22.81 -0.05
C MET A 287 -7.41 22.56 1.46
N PHE A 288 -7.76 23.61 2.21
CA PHE A 288 -7.72 23.59 3.67
C PHE A 288 -9.09 23.63 4.32
N GLU A 289 -10.09 24.25 3.67
CA GLU A 289 -11.43 24.28 4.25
C GLU A 289 -12.04 22.89 4.34
N TYR A 290 -11.51 21.92 3.61
CA TYR A 290 -11.98 20.55 3.66
C TYR A 290 -11.25 19.71 4.72
N GLU A 291 -10.23 20.27 5.37
CA GLU A 291 -9.52 19.52 6.41
C GLU A 291 -10.45 19.11 7.54
N PHE A 292 -11.50 19.90 7.79
CA PHE A 292 -12.49 19.51 8.79
C PHE A 292 -13.18 18.22 8.38
N GLN A 293 -13.43 18.03 7.08
CA GLN A 293 -14.10 16.83 6.62
C GLN A 293 -13.19 15.60 6.73
N TYR A 294 -11.88 15.80 6.69
CA TYR A 294 -10.93 14.68 6.77
C TYR A 294 -10.48 14.41 8.20
N ASP A 295 -11.45 14.28 9.10
CA ASP A 295 -11.22 13.88 10.47
C ASP A 295 -12.02 12.62 10.73
N TYR A 296 -11.33 11.54 11.10
CA TYR A 296 -11.95 10.23 11.18
C TYR A 296 -12.20 9.84 12.63
N THR A 297 -13.19 8.97 12.81
CA THR A 297 -13.45 8.31 14.08
C THR A 297 -13.66 6.82 13.95
N VAL A 298 -13.90 6.31 12.74
CA VAL A 298 -14.10 4.88 12.51
C VAL A 298 -13.25 4.46 11.32
N ASN A 299 -12.65 3.28 11.43
CA ASN A 299 -11.95 2.64 10.33
C ASN A 299 -12.89 1.62 9.71
N ILE A 300 -13.33 1.86 8.47
CA ILE A 300 -14.36 1.03 7.86
C ILE A 300 -13.83 -0.29 7.36
N SER A 301 -12.52 -0.51 7.39
CA SER A 301 -11.93 -1.80 7.06
C SER A 301 -11.78 -2.69 8.28
N ARG A 302 -12.20 -2.23 9.45
CA ARG A 302 -12.09 -2.98 10.69
C ARG A 302 -13.37 -2.78 11.50
N SER A 303 -13.51 -3.56 12.56
CA SER A 303 -14.74 -3.60 13.36
C SER A 303 -14.47 -2.88 14.68
N ASN A 304 -14.87 -1.62 14.75
CA ASN A 304 -14.75 -0.80 15.96
C ASN A 304 -13.30 -0.66 16.39
N LYS A 305 -12.40 -0.68 15.43
CA LYS A 305 -10.97 -0.52 15.66
C LYS A 305 -10.42 0.49 14.66
N ILE A 306 -9.36 1.18 15.04
CA ILE A 306 -8.68 2.10 14.15
C ILE A 306 -7.20 1.76 14.13
N ILE A 307 -6.46 2.42 13.24
CA ILE A 307 -5.01 2.28 13.16
C ILE A 307 -4.39 3.60 13.59
N GLN A 308 -3.40 3.52 14.46
CA GLN A 308 -2.74 4.69 15.01
C GLN A 308 -1.22 4.48 14.99
N LYS A 309 -0.49 5.55 14.70
CA LYS A 309 0.96 5.48 14.56
C LYS A 309 1.62 6.11 15.76
N HIS A 310 2.57 5.39 16.36
CA HIS A 310 3.23 5.81 17.59
C HIS A 310 4.74 5.85 17.36
N ARG A 311 5.37 6.94 17.80
CA ARG A 311 6.81 7.05 17.78
C ARG A 311 7.33 6.59 19.13
N VAL A 312 7.95 5.41 19.17
CA VAL A 312 8.44 4.86 20.43
C VAL A 312 9.62 5.70 20.90
N THR A 313 9.44 6.40 22.01
CA THR A 313 10.50 7.19 22.62
C THR A 313 11.08 6.55 23.86
N GLY A 314 10.41 5.56 24.45
CA GLY A 314 10.79 5.10 25.77
C GLY A 314 11.14 3.64 25.89
N ASN A 315 10.44 2.95 26.79
CA ASN A 315 10.88 1.64 27.28
C ASN A 315 10.15 0.55 26.50
N PHE A 316 10.66 0.28 25.31
CA PHE A 316 10.15 -0.85 24.54
C PHE A 316 10.46 -2.16 25.26
N THR A 317 9.51 -3.08 25.20
CA THR A 317 9.62 -4.36 25.89
C THR A 317 8.77 -5.36 25.14
N SER A 318 9.30 -6.55 24.90
CA SER A 318 8.54 -7.58 24.20
C SER A 318 8.94 -8.94 24.74
N GLU A 319 7.99 -9.62 25.37
CA GLU A 319 8.15 -11.02 25.71
C GLU A 319 7.37 -11.86 24.70
N ARG A 320 7.66 -13.15 24.68
CA ARG A 320 6.91 -14.09 23.87
C ARG A 320 6.20 -15.06 24.79
N ASN A 321 4.93 -15.33 24.51
CA ASN A 321 4.13 -16.26 25.29
C ASN A 321 3.53 -17.28 24.32
N ILE A 322 3.93 -18.54 24.47
CA ILE A 322 3.28 -19.64 23.78
C ILE A 322 2.25 -20.19 24.74
N TYR A 323 0.98 -19.94 24.45
CA TYR A 323 -0.11 -20.46 25.26
C TYR A 323 -0.50 -21.84 24.74
N GLN A 324 -1.58 -22.40 25.27
CA GLN A 324 -2.02 -23.71 24.80
C GLN A 324 -2.48 -23.66 23.35
N ASN A 325 -3.09 -22.55 22.94
CA ASN A 325 -3.54 -22.37 21.56
C ASN A 325 -2.78 -21.28 20.84
N SER A 326 -2.76 -20.07 21.38
CA SER A 326 -2.13 -18.95 20.68
C SER A 326 -0.64 -18.93 20.96
N ASP A 327 0.06 -18.03 20.27
CA ASP A 327 1.50 -17.85 20.41
C ASP A 327 1.78 -16.40 20.02
N ARG A 328 1.93 -15.52 21.01
CA ARG A 328 1.99 -14.10 20.70
C ARG A 328 3.12 -13.40 21.44
N PHE A 329 3.67 -12.38 20.78
CA PHE A 329 4.58 -11.42 21.42
C PHE A 329 3.75 -10.42 22.21
N VAL A 330 3.85 -10.47 23.53
CA VAL A 330 3.24 -9.45 24.38
C VAL A 330 4.21 -8.29 24.47
N ILE A 331 3.77 -7.10 24.04
CA ILE A 331 4.64 -5.96 23.88
C ILE A 331 4.10 -4.81 24.73
N SER A 332 5.02 -4.07 25.34
CA SER A 332 4.70 -2.80 25.97
C SER A 332 5.69 -1.77 25.45
N TYR A 333 5.27 -0.52 25.40
CA TYR A 333 6.21 0.54 25.05
C TYR A 333 5.68 1.88 25.55
N ASP A 334 6.45 2.92 25.28
CA ASP A 334 6.25 4.22 25.91
C ASP A 334 6.25 5.28 24.82
N THR A 335 5.06 5.68 24.38
CA THR A 335 4.93 6.81 23.48
C THR A 335 4.99 8.11 24.30
N ALA A 336 5.21 9.23 23.60
CA ALA A 336 5.37 10.50 24.29
C ALA A 336 4.15 10.87 25.13
N ASN A 337 2.99 10.28 24.84
CA ASN A 337 1.78 10.54 25.59
C ASN A 337 1.39 9.41 26.54
N GLU A 338 1.37 8.17 26.06
CA GLU A 338 0.73 7.08 26.79
C GLU A 338 1.63 5.85 26.85
N LYS A 339 1.53 5.12 27.95
CA LYS A 339 2.00 3.74 28.01
C LYS A 339 1.09 2.86 27.16
N ILE A 340 1.67 1.99 26.35
CA ILE A 340 0.89 1.17 25.43
C ILE A 340 1.21 -0.30 25.67
N LYS A 341 0.17 -1.12 25.79
CA LYS A 341 0.27 -2.57 25.82
C LYS A 341 -0.37 -3.13 24.57
N THR A 342 0.21 -4.20 24.01
CA THR A 342 -0.22 -4.69 22.70
C THR A 342 0.24 -6.14 22.56
N SER A 343 -0.24 -6.79 21.50
CA SER A 343 0.16 -8.16 21.19
C SER A 343 0.40 -8.29 19.69
N ILE A 344 1.30 -9.20 19.35
CA ILE A 344 1.50 -9.63 17.97
C ILE A 344 1.22 -11.13 17.94
N TYR A 345 0.17 -11.53 17.23
CA TYR A 345 -0.24 -12.92 17.21
C TYR A 345 0.48 -13.64 16.08
N ASN A 346 1.02 -14.81 16.39
CA ASN A 346 1.75 -15.63 15.43
C ASN A 346 0.93 -16.87 15.10
N ARG A 347 0.78 -17.13 13.81
CA ARG A 347 0.15 -18.36 13.34
C ARG A 347 0.96 -18.93 12.19
N MET A 348 1.13 -20.24 12.21
CA MET A 348 1.85 -20.94 11.15
C MET A 348 1.00 -20.99 9.89
N GLU A 349 1.62 -20.65 8.76
CA GLU A 349 0.95 -20.78 7.48
C GLU A 349 0.84 -22.25 7.10
N ASN A 350 -0.14 -22.55 6.25
CA ASN A 350 -0.36 -23.93 5.83
C ASN A 350 0.86 -24.51 5.16
N ALA A 351 1.47 -23.76 4.24
CA ALA A 351 2.67 -24.20 3.54
C ALA A 351 3.92 -23.63 4.22
N GLU A 352 4.12 -24.03 5.47
CA GLU A 352 5.25 -23.54 6.25
C GLU A 352 5.70 -24.66 7.19
N SER A 353 6.88 -25.21 6.95
CA SER A 353 7.40 -26.26 7.79
C SER A 353 7.65 -25.74 9.20
N LYS A 354 7.48 -26.63 10.18
CA LYS A 354 7.60 -26.22 11.58
C LYS A 354 9.00 -25.68 11.87
N THR A 355 10.03 -26.25 11.25
CA THR A 355 11.39 -25.75 11.45
C THR A 355 11.52 -24.32 10.92
N ASP A 356 11.02 -24.07 9.71
CA ASP A 356 11.09 -22.73 9.14
C ASP A 356 10.30 -21.73 9.96
N TYR A 357 9.09 -22.10 10.37
CA TYR A 357 8.29 -21.21 11.19
C TYR A 357 8.98 -20.90 12.52
N ASP A 358 9.52 -21.92 13.18
CA ASP A 358 10.14 -21.71 14.48
C ASP A 358 11.39 -20.85 14.34
N THR A 359 12.17 -21.06 13.29
CA THR A 359 13.33 -20.20 13.06
C THR A 359 12.91 -18.77 12.78
N SER A 360 11.89 -18.56 11.96
CA SER A 360 11.45 -17.20 11.67
C SER A 360 10.93 -16.51 12.93
N ILE A 361 10.21 -17.23 13.77
CA ILE A 361 9.68 -16.63 14.99
C ILE A 361 10.79 -16.33 15.99
N THR A 362 11.80 -17.19 16.08
CA THR A 362 12.88 -16.86 17.00
C THR A 362 13.73 -15.72 16.48
N LEU A 363 13.85 -15.56 15.16
CA LEU A 363 14.53 -14.38 14.63
C LEU A 363 13.72 -13.12 14.90
N LYS A 364 12.38 -13.20 14.76
CA LYS A 364 11.53 -12.07 15.12
C LYS A 364 11.71 -11.71 16.59
N ASP A 365 11.77 -12.71 17.46
CA ASP A 365 11.93 -12.45 18.89
C ASP A 365 13.28 -11.83 19.20
N VAL A 366 14.35 -12.34 18.58
CA VAL A 366 15.67 -11.78 18.79
C VAL A 366 15.71 -10.33 18.32
N THR A 367 15.05 -10.04 17.19
CA THR A 367 15.10 -8.69 16.65
C THR A 367 14.22 -7.73 17.45
N LEU A 368 13.16 -8.24 18.07
CA LEU A 368 12.32 -7.40 18.93
C LEU A 368 12.97 -7.13 20.29
N SER A 369 13.72 -8.09 20.82
CA SER A 369 14.36 -7.88 22.11
C SER A 369 15.58 -6.97 22.03
N GLN A 370 16.09 -6.71 20.83
CA GLN A 370 17.17 -5.76 20.62
C GLN A 370 16.67 -4.36 20.30
N LEU A 371 15.35 -4.15 20.25
CA LEU A 371 14.82 -2.90 19.74
C LEU A 371 14.94 -1.78 20.76
N ASN A 372 14.73 -2.09 22.04
CA ASN A 372 14.84 -1.07 23.08
C ASN A 372 16.28 -0.59 23.22
N SER A 373 17.24 -1.50 23.09
CA SER A 373 18.65 -1.12 23.15
C SER A 373 18.99 -0.15 22.03
N LEU A 374 18.47 -0.40 20.83
CA LEU A 374 18.72 0.49 19.71
C LEU A 374 18.01 1.83 19.90
N ILE A 375 16.80 1.82 20.45
CA ILE A 375 16.08 3.06 20.68
C ILE A 375 16.82 3.94 21.68
N GLU A 376 17.24 3.36 22.81
CA GLU A 376 17.88 4.15 23.85
C GLU A 376 19.17 4.80 23.35
N SER A 377 19.98 4.06 22.62
CA SER A 377 21.26 4.55 22.14
C SER A 377 21.15 5.44 20.91
N ASN A 378 19.94 5.89 20.57
CA ASN A 378 19.71 6.81 19.46
C ASN A 378 20.22 6.25 18.14
N LEU A 379 20.11 4.93 17.98
CA LEU A 379 20.55 4.28 16.75
C LEU A 379 19.42 4.05 15.75
N VAL A 380 18.19 3.88 16.23
CA VAL A 380 17.02 3.82 15.36
C VAL A 380 15.93 4.68 15.96
N GLN A 381 14.92 4.97 15.15
CA GLN A 381 13.67 5.55 15.60
C GLN A 381 12.55 4.63 15.15
N VAL A 382 11.72 4.20 16.08
CA VAL A 382 10.74 3.15 15.80
C VAL A 382 9.35 3.77 15.70
N ASP A 383 8.62 3.40 14.65
CA ASP A 383 7.21 3.71 14.52
C ASP A 383 6.42 2.42 14.60
N VAL A 384 5.34 2.43 15.38
CA VAL A 384 4.48 1.27 15.56
C VAL A 384 3.09 1.65 15.07
N TYR A 385 2.57 0.90 14.11
CA TYR A 385 1.24 1.11 13.58
C TYR A 385 0.35 0.06 14.21
N LEU A 386 -0.65 0.54 14.95
CA LEU A 386 -1.32 -0.20 16.01
C LEU A 386 -2.80 -0.27 15.71
N VAL A 387 -3.37 -1.48 15.76
CA VAL A 387 -4.80 -1.67 15.59
C VAL A 387 -5.43 -1.51 16.97
N THR A 388 -5.78 -0.29 17.33
CA THR A 388 -6.26 0.03 18.67
C THR A 388 -7.77 0.19 18.67
N ASP A 389 -8.40 -0.30 19.73
CA ASP A 389 -9.82 -0.07 19.96
C ASP A 389 -10.00 1.16 20.82
N PRO A 390 -10.67 2.21 20.35
CA PRO A 390 -10.74 3.46 21.12
C PRO A 390 -11.45 3.33 22.46
N ASN A 391 -12.25 2.29 22.67
CA ASN A 391 -13.01 2.16 23.91
C ASN A 391 -12.27 1.34 24.95
N ASN A 392 -11.95 0.09 24.62
CA ASN A 392 -11.26 -0.82 25.54
C ASN A 392 -9.93 -1.28 24.95
N VAL A 393 -8.84 -0.88 25.60
CA VAL A 393 -7.50 -1.27 25.14
C VAL A 393 -7.17 -2.60 25.82
N LYS A 394 -7.71 -3.67 25.24
CA LYS A 394 -7.40 -5.02 25.69
C LYS A 394 -7.26 -5.98 24.52
N ASN A 395 -7.56 -5.55 23.30
CA ASN A 395 -7.36 -6.35 22.10
C ASN A 395 -6.48 -5.63 21.10
N ASN A 396 -5.61 -4.73 21.58
CA ASN A 396 -4.67 -4.06 20.70
C ASN A 396 -3.79 -5.07 20.00
N VAL A 397 -3.50 -4.82 18.73
CA VAL A 397 -2.58 -5.64 17.96
C VAL A 397 -1.69 -4.70 17.16
N ILE A 398 -0.41 -5.05 17.08
CA ILE A 398 0.53 -4.27 16.28
C ILE A 398 0.36 -4.67 14.82
N ALA A 399 -0.12 -3.73 14.00
CA ALA A 399 -0.25 -3.99 12.58
C ALA A 399 1.10 -4.00 11.89
N GLY A 400 1.98 -3.06 12.25
CA GLY A 400 3.31 -3.03 11.66
C GLY A 400 4.28 -2.29 12.53
N ILE A 401 5.57 -2.51 12.27
CA ILE A 401 6.66 -1.79 12.92
C ILE A 401 7.65 -1.37 11.86
N THR A 402 8.18 -0.16 11.98
CA THR A 402 9.14 0.37 11.02
C THR A 402 10.29 1.03 11.76
N LYS A 403 11.51 0.66 11.40
CA LYS A 403 12.71 1.26 11.96
C LYS A 403 13.29 2.26 10.97
N ILE A 404 13.49 3.49 11.43
CA ILE A 404 14.20 4.52 10.69
C ILE A 404 15.61 4.54 11.23
N GLU A 405 16.58 4.17 10.42
CA GLU A 405 17.95 4.04 10.88
C GLU A 405 18.73 5.31 10.60
N ILE A 406 19.77 5.52 11.40
CA ILE A 406 20.50 6.79 11.38
C ILE A 406 21.16 7.04 10.03
N ASP A 407 21.38 6.00 9.23
CA ASP A 407 21.85 6.18 7.87
C ASP A 407 20.77 6.70 6.93
N GLY A 408 19.51 6.65 7.35
CA GLY A 408 18.38 6.99 6.49
C GLY A 408 17.65 5.78 5.93
N THR A 409 18.26 4.60 5.99
CA THR A 409 17.61 3.38 5.54
C THR A 409 16.38 3.08 6.40
N TYR A 410 15.39 2.44 5.80
CA TYR A 410 14.17 2.05 6.50
C TYR A 410 14.12 0.53 6.58
N GLU A 411 14.03 0.01 7.81
CA GLU A 411 13.95 -1.42 8.02
C GLU A 411 12.55 -1.78 8.50
N PRO A 412 11.77 -2.50 7.72
CA PRO A 412 10.40 -2.86 8.13
C PRO A 412 10.40 -4.09 9.04
N LEU A 413 10.64 -3.84 10.32
CA LEU A 413 10.61 -4.87 11.35
C LEU A 413 9.35 -5.72 11.29
#